data_2VVX
#
_entry.id   2VVX
#
_cell.length_a   126.075
_cell.length_b   126.075
_cell.length_c   124.058
_cell.angle_alpha   90.00
_cell.angle_beta   90.00
_cell.angle_gamma   120.00
#
_symmetry.space_group_name_H-M   'H 3'
#
_entity_poly.entity_id   1
_entity_poly.type   'polypeptide(L)'
_entity_poly.pdbx_seq_one_letter_code
;MTDVIKPDYLEYDDLLDRDEMFTILEEYFMYRGLLGLRIKYGRLFNEIKKFDNDAEEQFGTIEELKQKLRLNSEEGADNF
IDYIKVQKQDIVKLTVYDCISMIGLCACVVDVWRNEKLFSRWKYCLRAIKLFINDHMLDKIKSILQNRLVYVEMSKHHHH
HH
;
_entity_poly.pdbx_strand_id   A,B
#
# COMPACT_ATOMS: atom_id res chain seq x y z
N ILE A 5 9.00 12.69 7.77
CA ILE A 5 8.30 11.99 6.69
C ILE A 5 9.28 11.42 5.65
N LYS A 6 9.23 10.10 5.48
CA LYS A 6 10.14 9.41 4.55
C LYS A 6 9.67 9.58 3.09
N PRO A 7 10.55 9.27 2.13
CA PRO A 7 10.13 9.38 0.73
C PRO A 7 9.29 8.20 0.29
N ASP A 8 8.61 8.37 -0.84
CA ASP A 8 7.94 7.27 -1.51
C ASP A 8 8.93 6.62 -2.47
N TYR A 9 9.03 5.29 -2.45
CA TYR A 9 10.09 4.60 -3.18
C TYR A 9 9.72 4.13 -4.59
N LEU A 10 8.45 4.27 -4.96
CA LEU A 10 7.98 3.88 -6.28
C LEU A 10 8.85 4.43 -7.42
N GLU A 11 9.18 5.71 -7.36
CA GLU A 11 9.98 6.34 -8.40
C GLU A 11 11.33 6.86 -7.89
N TYR A 12 11.74 6.33 -6.74
CA TYR A 12 13.00 6.65 -6.07
C TYR A 12 14.18 6.03 -6.81
N ASP A 13 15.19 6.86 -7.11
CA ASP A 13 16.37 6.41 -7.86
C ASP A 13 17.57 6.13 -6.97
N ASP A 14 17.47 6.42 -5.69
CA ASP A 14 18.61 6.29 -4.78
C ASP A 14 18.43 5.22 -3.73
N LEU A 15 19.44 5.11 -2.86
CA LEU A 15 19.35 4.32 -1.63
C LEU A 15 20.37 4.85 -0.63
N LEU A 16 19.92 5.76 0.24
CA LEU A 16 20.80 6.41 1.20
C LEU A 16 20.83 5.67 2.52
N ASP A 17 21.78 6.02 3.37
CA ASP A 17 21.84 5.43 4.70
C ASP A 17 20.53 5.64 5.48
N ARG A 18 19.93 6.82 5.33
CA ARG A 18 18.69 7.13 6.04
C ARG A 18 17.49 6.30 5.59
N ASP A 19 17.57 5.70 4.40
CA ASP A 19 16.49 4.88 3.87
C ASP A 19 16.48 3.50 4.53
N GLU A 20 15.34 3.14 5.12
CA GLU A 20 15.17 1.84 5.77
C GLU A 20 14.94 0.70 4.76
N MET A 21 15.76 -0.34 4.84
CA MET A 21 15.65 -1.41 3.87
C MET A 21 14.29 -2.11 3.92
N PHE A 22 13.75 -2.33 5.11
CA PHE A 22 12.48 -3.03 5.21
C PHE A 22 11.35 -2.22 4.61
N THR A 23 11.36 -0.92 4.88
CA THR A 23 10.34 -0.03 4.36
C THR A 23 10.37 -0.02 2.83
N ILE A 24 11.56 0.00 2.26
CA ILE A 24 11.70 -0.11 0.81
C ILE A 24 11.01 -1.38 0.31
N LEU A 25 11.25 -2.49 1.00
CA LEU A 25 10.61 -3.75 0.66
C LEU A 25 9.09 -3.72 0.87
N GLU A 26 8.64 -3.14 1.97
CA GLU A 26 7.20 -2.99 2.20
C GLU A 26 6.55 -2.33 0.98
N GLU A 27 7.02 -1.14 0.63
CA GLU A 27 6.46 -0.40 -0.50
C GLU A 27 6.60 -1.15 -1.82
N TYR A 28 7.72 -1.86 -1.98
CA TYR A 28 7.97 -2.60 -3.20
C TYR A 28 6.89 -3.67 -3.43
N PHE A 29 6.56 -4.40 -2.36
CA PHE A 29 5.59 -5.48 -2.48
C PHE A 29 4.17 -4.94 -2.56
N MET A 30 3.95 -3.79 -1.95
CA MET A 30 2.68 -3.13 -2.05
C MET A 30 2.44 -2.68 -3.48
N TYR A 31 3.41 -1.98 -4.04
CA TYR A 31 3.25 -1.43 -5.38
C TYR A 31 3.24 -2.51 -6.46
N ARG A 32 4.19 -3.45 -6.38
CA ARG A 32 4.22 -4.53 -7.36
C ARG A 32 3.01 -5.43 -7.19
N GLY A 33 2.63 -5.69 -5.93
CA GLY A 33 1.52 -6.56 -5.64
C GLY A 33 0.14 -6.00 -6.01
N LEU A 34 0.05 -4.67 -6.11
CA LEU A 34 -1.23 -4.01 -6.42
C LEU A 34 -1.30 -3.39 -7.81
N LEU A 35 -0.22 -2.73 -8.22
CA LEU A 35 -0.14 -2.09 -9.53
C LEU A 35 0.54 -2.96 -10.60
N GLY A 36 1.45 -3.82 -10.17
CA GLY A 36 2.18 -4.62 -11.11
C GLY A 36 3.36 -3.89 -11.71
N LEU A 37 3.84 -4.38 -12.85
CA LEU A 37 5.14 -3.99 -13.39
C LEU A 37 5.05 -3.04 -14.57
N ARG A 38 3.87 -2.94 -15.18
CA ARG A 38 3.65 -2.05 -16.33
C ARG A 38 3.58 -0.59 -15.89
N ILE A 39 4.36 -0.25 -14.88
CA ILE A 39 4.31 1.05 -14.23
C ILE A 39 5.70 1.65 -14.22
N LYS A 40 5.79 2.97 -14.20
CA LYS A 40 7.07 3.65 -14.06
C LYS A 40 7.65 3.40 -12.67
N TYR A 41 8.80 2.74 -12.58
CA TYR A 41 9.45 2.55 -11.28
C TYR A 41 10.80 3.24 -11.32
N GLY A 42 11.39 3.49 -10.15
CA GLY A 42 12.68 4.16 -10.08
C GLY A 42 13.83 3.19 -10.22
N ARG A 43 15.05 3.71 -10.24
CA ARG A 43 16.23 2.88 -10.35
C ARG A 43 16.30 1.88 -9.19
N LEU A 44 15.80 2.28 -8.02
CA LEU A 44 15.84 1.41 -6.86
C LEU A 44 14.99 0.14 -7.07
N PHE A 45 13.69 0.34 -7.32
CA PHE A 45 12.78 -0.75 -7.59
C PHE A 45 13.26 -1.57 -8.77
N ASN A 46 13.81 -0.90 -9.77
CA ASN A 46 14.29 -1.58 -10.95
C ASN A 46 15.41 -2.58 -10.62
N GLU A 47 16.23 -2.25 -9.62
CA GLU A 47 17.29 -3.15 -9.16
C GLU A 47 16.69 -4.34 -8.45
N ILE A 48 15.77 -4.09 -7.53
CA ILE A 48 15.12 -5.15 -6.78
C ILE A 48 14.36 -6.08 -7.73
N LYS A 49 13.82 -5.50 -8.79
CA LYS A 49 13.11 -6.27 -9.79
C LYS A 49 14.01 -7.36 -10.39
N LYS A 50 15.30 -7.08 -10.48
CA LYS A 50 16.26 -8.03 -11.06
C LYS A 50 16.48 -9.26 -10.17
N PHE A 51 16.10 -9.16 -8.91
CA PHE A 51 16.14 -10.30 -7.99
C PHE A 51 15.32 -11.47 -8.52
N ASP A 52 14.44 -11.20 -9.49
CA ASP A 52 13.61 -12.23 -10.10
C ASP A 52 14.45 -13.33 -10.79
N ASN A 53 15.48 -12.92 -11.52
CA ASN A 53 16.36 -13.89 -12.19
C ASN A 53 16.98 -14.88 -11.21
N ASP A 54 17.39 -14.34 -10.06
CA ASP A 54 17.98 -15.14 -8.99
C ASP A 54 17.01 -16.22 -8.52
N ALA A 55 15.80 -15.79 -8.18
CA ALA A 55 14.76 -16.66 -7.62
C ALA A 55 14.43 -17.85 -8.52
N GLU A 56 14.33 -17.60 -9.81
CA GLU A 56 14.02 -18.67 -10.76
C GLU A 56 15.15 -19.71 -10.76
N GLU A 57 16.40 -19.21 -10.77
CA GLU A 57 17.58 -20.08 -10.80
C GLU A 57 17.67 -20.96 -9.53
N GLN A 58 17.18 -20.44 -8.42
CA GLN A 58 17.34 -21.12 -7.13
C GLN A 58 16.16 -21.97 -6.68
N PHE A 59 14.94 -21.44 -6.85
CA PHE A 59 13.73 -22.11 -6.34
C PHE A 59 12.85 -22.70 -7.43
N GLY A 60 13.23 -22.51 -8.70
CA GLY A 60 12.44 -23.02 -9.81
C GLY A 60 11.50 -22.02 -10.44
N THR A 61 10.79 -22.45 -11.47
CA THR A 61 9.90 -21.57 -12.22
C THR A 61 8.65 -21.27 -11.41
N ILE A 62 8.08 -20.09 -11.66
CA ILE A 62 6.83 -19.72 -11.01
C ILE A 62 5.67 -20.64 -11.43
N GLU A 63 5.68 -21.11 -12.68
CA GLU A 63 4.64 -22.01 -13.15
C GLU A 63 4.63 -23.31 -12.34
N GLU A 64 5.82 -23.77 -11.95
CA GLU A 64 5.95 -24.97 -11.12
C GLU A 64 5.48 -24.74 -9.70
N LEU A 65 6.01 -23.70 -9.06
CA LEU A 65 5.61 -23.33 -7.70
C LEU A 65 4.11 -23.12 -7.62
N LYS A 66 3.54 -22.51 -8.65
CA LYS A 66 2.11 -22.25 -8.67
C LYS A 66 1.31 -23.54 -8.54
N GLN A 67 1.75 -24.59 -9.24
CA GLN A 67 1.06 -25.88 -9.17
C GLN A 67 1.38 -26.58 -7.85
N LYS A 68 2.66 -26.64 -7.49
CA LYS A 68 3.09 -27.33 -6.29
C LYS A 68 2.54 -26.70 -5.00
N LEU A 69 2.57 -25.38 -4.91
CA LEU A 69 2.07 -24.69 -3.72
C LEU A 69 0.58 -24.32 -3.81
N ARG A 70 -0.03 -24.59 -4.96
CA ARG A 70 -1.43 -24.25 -5.18
C ARG A 70 -1.66 -22.80 -4.70
N LEU A 71 -0.92 -21.87 -5.30
CA LEU A 71 -0.87 -20.48 -4.82
C LEU A 71 -2.21 -19.76 -4.82
N ASN A 72 -3.03 -20.05 -5.82
CA ASN A 72 -4.30 -19.35 -5.98
C ASN A 72 -5.45 -19.99 -5.21
N SER A 73 -5.18 -21.12 -4.56
CA SER A 73 -6.20 -21.79 -3.76
C SER A 73 -6.37 -21.06 -2.43
N GLU A 74 -7.37 -21.47 -1.67
CA GLU A 74 -7.63 -20.85 -0.38
C GLU A 74 -6.43 -20.98 0.55
N GLU A 75 -5.71 -22.09 0.45
CA GLU A 75 -4.56 -22.36 1.32
C GLU A 75 -3.25 -21.87 0.70
N GLY A 76 -3.35 -21.13 -0.41
CA GLY A 76 -2.20 -20.69 -1.15
C GLY A 76 -1.16 -19.92 -0.35
N ALA A 77 -1.60 -18.95 0.44
CA ALA A 77 -0.67 -18.09 1.18
C ALA A 77 0.00 -18.87 2.30
N ASP A 78 -0.79 -19.68 3.01
CA ASP A 78 -0.27 -20.54 4.06
C ASP A 78 0.77 -21.52 3.52
N ASN A 79 0.52 -22.05 2.31
CA ASN A 79 1.45 -22.95 1.65
C ASN A 79 2.76 -22.26 1.32
N PHE A 80 2.65 -21.04 0.80
CA PHE A 80 3.83 -20.25 0.48
C PHE A 80 4.68 -20.02 1.73
N ILE A 81 4.03 -19.75 2.85
CA ILE A 81 4.74 -19.51 4.10
C ILE A 81 5.47 -20.76 4.55
N ASP A 82 4.78 -21.89 4.51
CA ASP A 82 5.40 -23.14 4.90
C ASP A 82 6.56 -23.45 3.98
N TYR A 83 6.40 -23.13 2.69
CA TYR A 83 7.43 -23.41 1.72
C TYR A 83 8.68 -22.59 2.03
N ILE A 84 8.47 -21.33 2.32
CA ILE A 84 9.54 -20.43 2.72
C ILE A 84 10.21 -20.95 3.99
N LYS A 85 9.41 -21.34 4.99
CA LYS A 85 9.92 -21.92 6.23
C LYS A 85 10.76 -23.15 5.95
N VAL A 86 10.28 -23.99 5.01
CA VAL A 86 11.00 -25.17 4.56
C VAL A 86 12.33 -24.79 3.90
N GLN A 87 12.32 -23.79 3.04
CA GLN A 87 13.54 -23.30 2.41
C GLN A 87 14.58 -22.86 3.45
N LYS A 88 14.14 -22.07 4.42
CA LYS A 88 15.05 -21.58 5.44
C LYS A 88 15.69 -22.72 6.26
N GLN A 89 14.88 -23.72 6.59
CA GLN A 89 15.36 -24.92 7.27
C GLN A 89 16.45 -25.62 6.47
N ASP A 90 16.12 -25.90 5.21
CA ASP A 90 16.88 -26.83 4.38
C ASP A 90 18.23 -26.27 3.91
N ILE A 91 18.33 -24.95 3.87
CA ILE A 91 19.58 -24.32 3.44
C ILE A 91 20.63 -24.30 4.56
N VAL A 92 21.80 -24.86 4.26
CA VAL A 92 22.83 -25.13 5.26
C VAL A 92 23.38 -23.88 5.96
N LYS A 93 24.06 -23.02 5.20
CA LYS A 93 24.41 -21.69 5.71
C LYS A 93 23.88 -20.59 4.78
N LEU A 94 22.93 -19.83 5.30
CA LEU A 94 22.26 -18.80 4.54
C LEU A 94 23.23 -17.70 4.11
N THR A 95 23.18 -17.35 2.83
CA THR A 95 23.96 -16.25 2.30
C THR A 95 23.02 -15.12 1.90
N VAL A 96 23.58 -13.92 1.71
CA VAL A 96 22.78 -12.78 1.30
C VAL A 96 22.12 -13.07 -0.04
N TYR A 97 22.76 -13.94 -0.83
CA TYR A 97 22.25 -14.26 -2.16
C TYR A 97 21.03 -15.16 -2.09
N ASP A 98 20.96 -15.97 -1.05
CA ASP A 98 19.77 -16.75 -0.77
C ASP A 98 18.62 -15.80 -0.46
N CYS A 99 18.91 -14.81 0.38
CA CYS A 99 17.89 -13.84 0.76
C CYS A 99 17.44 -13.03 -0.45
N ILE A 100 18.38 -12.67 -1.32
CA ILE A 100 18.06 -11.96 -2.54
C ILE A 100 17.13 -12.78 -3.44
N SER A 101 17.51 -14.04 -3.67
CA SER A 101 16.67 -14.95 -4.44
C SER A 101 15.29 -15.03 -3.81
N MET A 102 15.25 -15.15 -2.49
CA MET A 102 13.98 -15.30 -1.80
C MET A 102 13.06 -14.11 -2.06
N ILE A 103 13.63 -12.91 -2.05
CA ILE A 103 12.86 -11.71 -2.34
C ILE A 103 12.30 -11.78 -3.77
N GLY A 104 13.17 -12.11 -4.72
CA GLY A 104 12.75 -12.27 -6.09
C GLY A 104 11.61 -13.27 -6.19
N LEU A 105 11.68 -14.30 -5.37
CA LEU A 105 10.64 -15.34 -5.34
C LEU A 105 9.31 -14.78 -4.87
N CYS A 106 9.34 -14.03 -3.76
CA CYS A 106 8.14 -13.35 -3.29
C CYS A 106 7.55 -12.48 -4.39
N ALA A 107 8.42 -11.75 -5.11
CA ALA A 107 7.97 -10.85 -6.15
C ALA A 107 7.21 -11.61 -7.22
N CYS A 108 7.78 -12.72 -7.67
CA CYS A 108 7.15 -13.55 -8.68
C CYS A 108 5.82 -14.11 -8.17
N VAL A 109 5.80 -14.46 -6.89
CA VAL A 109 4.60 -15.00 -6.27
C VAL A 109 3.51 -13.93 -6.19
N VAL A 110 3.89 -12.72 -5.80
CA VAL A 110 2.92 -11.64 -5.69
C VAL A 110 2.27 -11.35 -7.06
N ASP A 111 3.02 -11.61 -8.13
CA ASP A 111 2.46 -11.43 -9.48
C ASP A 111 1.30 -12.39 -9.70
N VAL A 112 1.48 -13.62 -9.26
CA VAL A 112 0.44 -14.63 -9.40
C VAL A 112 -0.83 -14.18 -8.67
N TRP A 113 -0.67 -13.74 -7.43
CA TRP A 113 -1.81 -13.28 -6.64
C TRP A 113 -2.50 -12.05 -7.24
N ARG A 114 -1.72 -11.08 -7.69
CA ARG A 114 -2.30 -9.89 -8.30
C ARG A 114 -3.19 -10.27 -9.49
N ASN A 115 -2.68 -11.13 -10.37
CA ASN A 115 -3.45 -11.54 -11.54
C ASN A 115 -4.72 -12.29 -11.17
N GLU A 116 -4.70 -12.95 -10.02
CA GLU A 116 -5.86 -13.68 -9.54
C GLU A 116 -6.79 -12.75 -8.76
N LYS A 117 -6.30 -11.54 -8.50
CA LYS A 117 -7.06 -10.51 -7.80
C LYS A 117 -7.22 -10.84 -6.32
N LEU A 118 -6.29 -11.65 -5.82
CA LEU A 118 -6.14 -11.85 -4.39
C LEU A 118 -5.22 -10.75 -3.85
N PHE A 119 -5.73 -9.53 -3.81
CA PHE A 119 -4.91 -8.34 -3.62
C PHE A 119 -4.34 -8.16 -2.21
N SER A 120 -5.02 -8.71 -1.22
CA SER A 120 -4.57 -8.58 0.16
C SER A 120 -3.41 -9.52 0.50
N ARG A 121 -3.06 -10.41 -0.43
CA ARG A 121 -2.04 -11.44 -0.16
C ARG A 121 -0.60 -10.92 -0.25
N TRP A 122 -0.43 -9.71 -0.80
CA TRP A 122 0.89 -9.10 -0.84
C TRP A 122 1.47 -9.00 0.57
N LYS A 123 0.60 -8.90 1.57
CA LYS A 123 1.03 -8.85 2.97
C LYS A 123 1.90 -10.05 3.34
N TYR A 124 1.58 -11.21 2.78
CA TYR A 124 2.30 -12.46 3.11
C TYR A 124 3.76 -12.45 2.69
N CYS A 125 4.08 -11.68 1.65
CA CYS A 125 5.46 -11.51 1.23
C CYS A 125 6.25 -10.89 2.37
N LEU A 126 5.66 -9.90 3.04
CA LEU A 126 6.32 -9.25 4.14
C LEU A 126 6.50 -10.20 5.31
N ARG A 127 5.46 -10.98 5.59
CA ARG A 127 5.55 -11.99 6.63
C ARG A 127 6.69 -12.97 6.32
N ALA A 128 6.81 -13.34 5.05
CA ALA A 128 7.86 -14.26 4.62
C ALA A 128 9.26 -13.64 4.76
N ILE A 129 9.43 -12.40 4.29
CA ILE A 129 10.69 -11.69 4.44
C ILE A 129 11.14 -11.66 5.89
N LYS A 130 10.21 -11.35 6.79
CA LYS A 130 10.52 -11.28 8.22
C LYS A 130 11.04 -12.60 8.75
N LEU A 131 10.51 -13.71 8.25
CA LEU A 131 10.92 -15.05 8.68
C LEU A 131 12.28 -15.43 8.12
N PHE A 132 12.53 -15.00 6.89
CA PHE A 132 13.68 -15.46 6.14
C PHE A 132 14.91 -14.56 6.32
N ILE A 133 14.68 -13.26 6.37
CA ILE A 133 15.77 -12.29 6.33
C ILE A 133 15.88 -11.47 7.61
N ASN A 134 16.93 -11.72 8.38
CA ASN A 134 17.17 -10.96 9.61
C ASN A 134 17.79 -9.60 9.32
N ASP A 135 17.86 -8.74 10.33
CA ASP A 135 18.36 -7.38 10.15
C ASP A 135 19.77 -7.37 9.56
N HIS A 136 20.58 -8.33 9.99
CA HIS A 136 21.95 -8.45 9.50
C HIS A 136 21.95 -8.67 7.98
N MET A 137 21.05 -9.52 7.51
CA MET A 137 20.95 -9.78 6.08
C MET A 137 20.37 -8.60 5.31
N LEU A 138 19.40 -7.90 5.92
CA LEU A 138 18.84 -6.71 5.30
C LEU A 138 19.93 -5.65 5.07
N ASP A 139 20.81 -5.48 6.05
CA ASP A 139 21.94 -4.58 5.89
C ASP A 139 22.82 -4.97 4.69
N LYS A 140 23.14 -6.25 4.58
CA LYS A 140 23.99 -6.72 3.49
C LYS A 140 23.31 -6.51 2.13
N ILE A 141 21.98 -6.69 2.10
CA ILE A 141 21.22 -6.44 0.88
C ILE A 141 21.24 -4.96 0.52
N LYS A 142 21.02 -4.12 1.52
CA LYS A 142 21.06 -2.68 1.33
C LYS A 142 22.44 -2.25 0.78
N SER A 143 23.50 -2.81 1.33
CA SER A 143 24.84 -2.49 0.88
C SER A 143 25.07 -2.88 -0.57
N ILE A 144 24.52 -4.03 -0.96
CA ILE A 144 24.65 -4.52 -2.32
C ILE A 144 23.89 -3.64 -3.31
N LEU A 145 22.64 -3.31 -2.97
CA LEU A 145 21.83 -2.42 -3.79
C LEU A 145 22.49 -1.04 -3.95
N GLN A 146 23.13 -0.56 -2.89
CA GLN A 146 23.82 0.72 -2.96
C GLN A 146 24.97 0.66 -3.97
N ASN A 147 25.71 -0.44 -3.95
CA ASN A 147 26.79 -0.66 -4.91
C ASN A 147 26.24 -0.78 -6.33
N ARG A 148 25.18 -1.58 -6.48
CA ARG A 148 24.63 -1.85 -7.78
C ARG A 148 24.14 -0.58 -8.45
N LEU A 149 23.56 0.32 -7.65
CA LEU A 149 23.07 1.61 -8.12
C LEU A 149 24.21 2.56 -8.49
N VAL A 150 25.31 2.48 -7.78
CA VAL A 150 26.48 3.28 -8.13
C VAL A 150 27.01 2.89 -9.50
N TYR A 151 27.03 1.58 -9.79
CA TYR A 151 27.47 1.11 -11.10
C TYR A 151 26.47 1.50 -12.20
N VAL A 152 25.18 1.43 -11.88
CA VAL A 152 24.14 1.85 -12.81
C VAL A 152 24.35 3.31 -13.19
N GLU A 153 24.83 4.09 -12.23
CA GLU A 153 25.19 5.48 -12.46
C GLU A 153 26.33 5.59 -13.48
N MET A 154 27.43 4.86 -13.24
CA MET A 154 28.56 4.82 -14.17
C MET A 154 28.12 4.39 -15.57
N SER A 155 27.34 3.32 -15.64
CA SER A 155 26.86 2.79 -16.92
C SER A 155 26.12 3.87 -17.70
N LYS A 156 25.30 4.64 -16.98
CA LYS A 156 24.51 5.73 -17.57
C LYS A 156 25.39 6.80 -18.22
N HIS A 157 26.31 7.37 -17.44
CA HIS A 157 27.28 8.34 -17.97
C HIS A 157 28.34 7.63 -18.81
N ILE B 5 -0.49 -9.46 14.72
CA ILE B 5 -0.76 -9.02 13.34
C ILE B 5 -2.23 -8.66 13.11
N LYS B 6 -2.47 -7.42 12.71
CA LYS B 6 -3.83 -6.96 12.45
C LYS B 6 -4.34 -7.52 11.13
N PRO B 7 -5.67 -7.55 10.97
CA PRO B 7 -6.29 -8.05 9.73
C PRO B 7 -6.08 -7.08 8.57
N ASP B 8 -6.30 -7.59 7.37
CA ASP B 8 -6.38 -6.74 6.19
C ASP B 8 -7.82 -6.25 6.05
N TYR B 9 -8.00 -4.96 5.77
CA TYR B 9 -9.34 -4.37 5.80
C TYR B 9 -10.05 -4.28 4.45
N LEU B 10 -9.36 -4.62 3.38
CA LEU B 10 -9.95 -4.59 2.03
C LEU B 10 -11.30 -5.33 1.95
N GLU B 11 -11.37 -6.53 2.53
CA GLU B 11 -12.60 -7.33 2.48
C GLU B 11 -13.20 -7.55 3.85
N TYR B 12 -12.75 -6.73 4.81
CA TYR B 12 -13.21 -6.78 6.19
C TYR B 12 -14.64 -6.24 6.35
N ASP B 13 -15.50 -7.02 7.01
CA ASP B 13 -16.91 -6.68 7.15
C ASP B 13 -17.24 -6.06 8.51
N ASP B 14 -16.27 -6.04 9.41
CA ASP B 14 -16.53 -5.59 10.78
C ASP B 14 -15.79 -4.33 11.16
N LEU B 15 -15.96 -3.92 12.42
CA LEU B 15 -15.14 -2.87 13.01
C LEU B 15 -15.18 -3.05 14.53
N LEU B 16 -14.18 -3.74 15.07
CA LEU B 16 -14.13 -4.07 16.48
C LEU B 16 -13.34 -3.02 17.25
N ASP B 17 -13.45 -3.04 18.57
CA ASP B 17 -12.64 -2.16 19.40
C ASP B 17 -11.14 -2.30 19.12
N ARG B 18 -10.69 -3.53 18.88
CA ARG B 18 -9.26 -3.77 18.65
C ARG B 18 -8.75 -3.21 17.33
N ASP B 19 -9.66 -2.92 16.40
CA ASP B 19 -9.29 -2.34 15.11
C ASP B 19 -8.99 -0.85 15.24
N GLU B 20 -7.78 -0.43 14.89
CA GLU B 20 -7.41 0.97 14.95
C GLU B 20 -7.95 1.78 13.77
N MET B 21 -8.63 2.88 14.06
CA MET B 21 -9.30 3.67 13.02
C MET B 21 -8.33 4.21 11.97
N PHE B 22 -7.16 4.67 12.39
CA PHE B 22 -6.23 5.25 11.44
C PHE B 22 -5.72 4.21 10.47
N THR B 23 -5.40 3.03 10.97
CA THR B 23 -4.92 1.95 10.14
C THR B 23 -5.96 1.57 9.09
N ILE B 24 -7.22 1.51 9.50
CA ILE B 24 -8.29 1.28 8.54
C ILE B 24 -8.24 2.32 7.42
N LEU B 25 -8.05 3.58 7.79
CA LEU B 25 -7.97 4.66 6.82
C LEU B 25 -6.69 4.56 5.96
N GLU B 26 -5.57 4.20 6.57
CA GLU B 26 -4.34 3.97 5.81
C GLU B 26 -4.60 2.98 4.67
N GLU B 27 -5.08 1.80 5.03
CA GLU B 27 -5.36 0.76 4.05
C GLU B 27 -6.43 1.19 3.03
N TYR B 28 -7.42 1.94 3.50
CA TYR B 28 -8.50 2.38 2.63
C TYR B 28 -7.95 3.26 1.50
N PHE B 29 -7.07 4.17 1.85
CA PHE B 29 -6.54 5.11 0.86
C PHE B 29 -5.49 4.44 -0.02
N MET B 30 -4.82 3.44 0.54
CA MET B 30 -3.87 2.67 -0.24
C MET B 30 -4.60 1.87 -1.30
N TYR B 31 -5.63 1.14 -0.87
CA TYR B 31 -6.36 0.27 -1.78
C TYR B 31 -7.18 1.05 -2.81
N ARG B 32 -7.92 2.05 -2.36
CA ARG B 32 -8.70 2.86 -3.29
C ARG B 32 -7.78 3.65 -4.19
N GLY B 33 -6.68 4.14 -3.63
CA GLY B 33 -5.76 4.98 -4.37
C GLY B 33 -4.95 4.23 -5.42
N LEU B 34 -4.81 2.93 -5.23
CA LEU B 34 -3.99 2.09 -6.13
C LEU B 34 -4.83 1.15 -7.00
N LEU B 35 -5.84 0.52 -6.41
CA LEU B 35 -6.70 -0.41 -7.12
C LEU B 35 -8.00 0.24 -7.63
N GLY B 36 -8.47 1.24 -6.91
CA GLY B 36 -9.71 1.85 -7.30
C GLY B 36 -10.90 1.10 -6.74
N LEU B 37 -12.07 1.37 -7.32
CA LEU B 37 -13.35 0.97 -6.75
C LEU B 37 -13.98 -0.25 -7.42
N ARG B 38 -13.49 -0.60 -8.61
CA ARG B 38 -14.03 -1.74 -9.35
C ARG B 38 -13.55 -3.06 -8.75
N ILE B 39 -13.41 -3.07 -7.43
CA ILE B 39 -12.81 -4.17 -6.70
C ILE B 39 -13.78 -4.62 -5.62
N LYS B 40 -13.70 -5.89 -5.23
CA LYS B 40 -14.49 -6.39 -4.10
C LYS B 40 -14.04 -5.74 -2.78
N TYR B 41 -14.95 -4.98 -2.17
N TYR B 41 -14.94 -4.98 -2.16
CA TYR B 41 -14.70 -4.34 -0.88
CA TYR B 41 -14.65 -4.38 -0.87
C TYR B 41 -15.54 -5.06 0.17
C TYR B 41 -15.59 -4.91 0.21
N GLY B 42 -15.10 -4.99 1.44
CA GLY B 42 -15.90 -5.50 2.53
C GLY B 42 -16.91 -4.47 2.98
N ARG B 43 -17.73 -4.82 3.96
CA ARG B 43 -18.77 -3.91 4.43
C ARG B 43 -18.18 -2.64 5.05
N LEU B 44 -17.02 -2.77 5.66
CA LEU B 44 -16.35 -1.64 6.30
C LEU B 44 -15.98 -0.56 5.27
N PHE B 45 -15.19 -0.94 4.28
CA PHE B 45 -14.79 -0.02 3.22
C PHE B 45 -16.00 0.53 2.50
N ASN B 46 -17.02 -0.31 2.33
CA ASN B 46 -18.24 0.10 1.66
C ASN B 46 -18.94 1.24 2.41
N GLU B 47 -18.85 1.24 3.73
CA GLU B 47 -19.40 2.31 4.54
C GLU B 47 -18.61 3.60 4.36
N ILE B 48 -17.28 3.50 4.46
CA ILE B 48 -16.41 4.65 4.29
C ILE B 48 -16.55 5.23 2.89
N LYS B 49 -16.83 4.36 1.93
CA LYS B 49 -17.04 4.80 0.56
C LYS B 49 -18.21 5.80 0.49
N LYS B 50 -19.21 5.60 1.34
CA LYS B 50 -20.38 6.48 1.34
C LYS B 50 -20.06 7.91 1.80
N PHE B 51 -18.91 8.08 2.46
CA PHE B 51 -18.45 9.41 2.88
C PHE B 51 -18.33 10.33 1.67
N ASP B 52 -18.37 9.75 0.48
CA ASP B 52 -18.21 10.52 -0.76
C ASP B 52 -19.37 11.49 -0.97
N ASN B 53 -20.60 11.04 -0.69
CA ASN B 53 -21.77 11.89 -0.80
C ASN B 53 -21.65 13.12 0.07
N ASP B 54 -21.13 12.93 1.28
CA ASP B 54 -20.94 13.99 2.24
C ASP B 54 -20.01 15.05 1.68
N ALA B 55 -18.87 14.61 1.16
CA ALA B 55 -17.82 15.49 0.67
C ALA B 55 -18.30 16.39 -0.47
N GLU B 56 -19.08 15.84 -1.38
CA GLU B 56 -19.58 16.61 -2.49
C GLU B 56 -20.52 17.71 -1.99
N GLU B 57 -21.37 17.36 -1.04
CA GLU B 57 -22.35 18.29 -0.48
C GLU B 57 -21.65 19.44 0.25
N GLN B 58 -20.49 19.18 0.84
CA GLN B 58 -19.82 20.17 1.68
C GLN B 58 -18.72 20.98 1.01
N PHE B 59 -17.92 20.32 0.16
CA PHE B 59 -16.75 20.97 -0.43
C PHE B 59 -16.90 21.22 -1.93
N GLY B 60 -17.99 20.76 -2.53
CA GLY B 60 -18.19 20.90 -3.95
C GLY B 60 -17.82 19.68 -4.79
N THR B 61 -18.05 19.77 -6.10
CA THR B 61 -17.78 18.65 -6.99
C THR B 61 -16.30 18.45 -7.19
N ILE B 62 -15.92 17.21 -7.48
CA ILE B 62 -14.53 16.88 -7.75
C ILE B 62 -14.05 17.55 -9.05
N GLU B 63 -14.93 17.70 -10.03
CA GLU B 63 -14.55 18.34 -11.29
C GLU B 63 -14.13 19.77 -11.03
N GLU B 64 -14.80 20.42 -10.08
CA GLU B 64 -14.48 21.79 -9.73
C GLU B 64 -13.21 21.80 -8.89
N LEU B 65 -13.14 20.92 -7.91
CA LEU B 65 -11.96 20.85 -7.06
C LEU B 65 -10.71 20.55 -7.90
N LYS B 66 -10.85 19.62 -8.83
CA LYS B 66 -9.78 19.29 -9.76
C LYS B 66 -9.31 20.53 -10.52
N GLN B 67 -10.24 21.30 -11.07
CA GLN B 67 -9.88 22.55 -11.77
C GLN B 67 -9.30 23.59 -10.81
N LYS B 68 -10.01 23.86 -9.71
CA LYS B 68 -9.60 24.87 -8.75
C LYS B 68 -8.21 24.61 -8.16
N LEU B 69 -7.92 23.35 -7.85
CA LEU B 69 -6.65 23.00 -7.22
C LEU B 69 -5.61 22.50 -8.21
N ARG B 70 -6.02 22.30 -9.46
CA ARG B 70 -5.13 21.79 -10.48
C ARG B 70 -4.42 20.54 -9.96
N LEU B 71 -5.23 19.64 -9.41
CA LEU B 71 -4.78 18.44 -8.72
C LEU B 71 -3.73 17.61 -9.47
N ASN B 72 -3.83 17.54 -10.79
CA ASN B 72 -2.92 16.71 -11.57
C ASN B 72 -1.62 17.42 -11.95
N SER B 73 -1.49 18.68 -11.58
CA SER B 73 -0.28 19.43 -11.88
C SER B 73 0.80 19.04 -10.90
N GLU B 74 2.02 19.53 -11.13
CA GLU B 74 3.14 19.22 -10.25
C GLU B 74 2.87 19.69 -8.82
N GLU B 75 2.16 20.81 -8.67
CA GLU B 75 1.86 21.38 -7.37
C GLU B 75 0.54 20.86 -6.81
N GLY B 76 -0.06 19.89 -7.48
CA GLY B 76 -1.37 19.39 -7.11
C GLY B 76 -1.53 18.94 -5.67
N ALA B 77 -0.57 18.15 -5.18
CA ALA B 77 -0.68 17.60 -3.83
C ALA B 77 -0.50 18.69 -2.78
N ASP B 78 0.49 19.55 -3.00
CA ASP B 78 0.71 20.68 -2.11
C ASP B 78 -0.52 21.60 -2.04
N ASN B 79 -1.19 21.78 -3.18
CA ASN B 79 -2.40 22.58 -3.25
C ASN B 79 -3.51 21.95 -2.42
N PHE B 80 -3.65 20.63 -2.56
CA PHE B 80 -4.68 19.92 -1.82
C PHE B 80 -4.45 20.08 -0.32
N ILE B 81 -3.20 20.05 0.10
CA ILE B 81 -2.86 20.18 1.51
C ILE B 81 -3.22 21.58 2.01
N ASP B 82 -2.80 22.59 1.24
CA ASP B 82 -3.17 23.98 1.52
C ASP B 82 -4.67 24.09 1.65
N TYR B 83 -5.38 23.53 0.68
CA TYR B 83 -6.83 23.59 0.67
C TYR B 83 -7.39 23.07 1.98
N ILE B 84 -6.94 21.87 2.36
CA ILE B 84 -7.38 21.23 3.59
C ILE B 84 -7.14 22.13 4.81
N LYS B 85 -5.95 22.72 4.88
CA LYS B 85 -5.60 23.59 5.98
C LYS B 85 -6.56 24.76 6.05
N VAL B 86 -6.74 25.42 4.91
CA VAL B 86 -7.63 26.57 4.80
C VAL B 86 -9.01 26.18 5.28
N GLN B 87 -9.54 25.08 4.77
CA GLN B 87 -10.87 24.61 5.15
C GLN B 87 -10.98 24.39 6.64
N LYS B 88 -9.90 23.92 7.26
CA LYS B 88 -9.92 23.61 8.68
C LYS B 88 -9.89 24.89 9.52
N GLN B 89 -8.99 25.81 9.19
CA GLN B 89 -8.91 27.09 9.90
C GLN B 89 -10.26 27.77 9.80
N ASP B 90 -10.93 27.58 8.67
CA ASP B 90 -12.17 28.30 8.38
C ASP B 90 -13.37 27.79 9.17
N ILE B 91 -13.44 26.49 9.40
CA ILE B 91 -14.56 25.93 10.15
C ILE B 91 -14.50 26.40 11.60
N VAL B 92 -15.57 27.09 12.01
CA VAL B 92 -15.67 27.62 13.37
C VAL B 92 -15.60 26.50 14.39
N LYS B 93 -16.61 25.64 14.44
CA LYS B 93 -16.48 24.47 15.31
C LYS B 93 -16.61 23.15 14.58
N LEU B 94 -15.48 22.45 14.48
CA LEU B 94 -15.38 21.21 13.74
C LEU B 94 -16.27 20.12 14.34
N THR B 95 -17.07 19.48 13.49
CA THR B 95 -17.91 18.37 13.91
C THR B 95 -17.37 17.10 13.28
N VAL B 96 -17.79 15.95 13.81
CA VAL B 96 -17.39 14.65 13.25
C VAL B 96 -17.84 14.55 11.79
N TYR B 97 -18.91 15.24 11.44
CA TYR B 97 -19.45 15.18 10.09
C TYR B 97 -18.59 15.96 9.11
N ASP B 98 -17.92 17.00 9.61
CA ASP B 98 -16.93 17.72 8.82
C ASP B 98 -15.78 16.77 8.50
N CYS B 99 -15.32 16.06 9.52
CA CYS B 99 -14.25 15.09 9.36
C CYS B 99 -14.62 13.96 8.40
N ILE B 100 -15.87 13.51 8.49
CA ILE B 100 -16.37 12.49 7.59
C ILE B 100 -16.38 13.01 6.14
N SER B 101 -16.93 14.20 5.93
CA SER B 101 -16.92 14.82 4.61
C SER B 101 -15.50 14.95 4.10
N MET B 102 -14.59 15.34 4.97
CA MET B 102 -13.21 15.53 4.57
C MET B 102 -12.58 14.24 4.08
N ILE B 103 -12.86 13.13 4.76
CA ILE B 103 -12.38 11.83 4.30
C ILE B 103 -12.95 11.50 2.92
N GLY B 104 -14.26 11.66 2.76
CA GLY B 104 -14.88 11.44 1.47
C GLY B 104 -14.18 12.27 0.41
N LEU B 105 -13.79 13.48 0.78
CA LEU B 105 -13.12 14.39 -0.14
C LEU B 105 -11.77 13.83 -0.57
N CYS B 106 -10.98 13.39 0.40
CA CYS B 106 -9.71 12.74 0.11
C CYS B 106 -9.93 11.55 -0.84
N ALA B 107 -10.97 10.76 -0.60
CA ALA B 107 -11.26 9.60 -1.42
C ALA B 107 -11.48 10.02 -2.88
N CYS B 108 -12.30 11.05 -3.08
CA CYS B 108 -12.59 11.53 -4.43
C CYS B 108 -11.33 12.07 -5.08
N VAL B 109 -10.49 12.71 -4.27
CA VAL B 109 -9.25 13.28 -4.77
C VAL B 109 -8.29 12.18 -5.19
N VAL B 110 -8.21 11.12 -4.37
CA VAL B 110 -7.31 10.02 -4.69
C VAL B 110 -7.71 9.35 -6.01
N ASP B 111 -9.01 9.39 -6.33
CA ASP B 111 -9.48 8.85 -7.60
C ASP B 111 -8.87 9.62 -8.75
N VAL B 112 -8.83 10.94 -8.63
CA VAL B 112 -8.23 11.77 -9.66
C VAL B 112 -6.78 11.39 -9.90
N TRP B 113 -6.02 11.27 -8.82
CA TRP B 113 -4.61 10.93 -8.92
C TRP B 113 -4.38 9.54 -9.50
N ARG B 114 -5.19 8.57 -9.08
CA ARG B 114 -5.04 7.21 -9.61
C ARG B 114 -5.21 7.20 -11.12
N ASN B 115 -6.26 7.85 -11.62
CA ASN B 115 -6.52 7.90 -13.05
C ASN B 115 -5.39 8.58 -13.81
N GLU B 116 -4.73 9.53 -13.15
CA GLU B 116 -3.60 10.23 -13.77
C GLU B 116 -2.31 9.42 -13.62
N LYS B 117 -2.39 8.38 -12.81
CA LYS B 117 -1.25 7.48 -12.58
C LYS B 117 -0.17 8.14 -11.71
N LEU B 118 -0.60 9.12 -10.92
CA LEU B 118 0.23 9.69 -9.87
C LEU B 118 0.01 8.86 -8.60
N PHE B 119 0.52 7.64 -8.63
CA PHE B 119 0.15 6.61 -7.66
C PHE B 119 0.70 6.82 -6.26
N SER B 120 1.82 7.54 -6.16
CA SER B 120 2.43 7.79 -4.85
C SER B 120 1.72 8.90 -4.05
N ARG B 121 0.74 9.56 -4.68
CA ARG B 121 0.09 10.70 -4.05
C ARG B 121 -0.97 10.32 -3.03
N TRP B 122 -1.35 9.04 -3.02
CA TRP B 122 -2.32 8.57 -2.02
C TRP B 122 -1.79 8.89 -0.61
N LYS B 123 -0.48 8.91 -0.46
CA LYS B 123 0.14 9.24 0.82
C LYS B 123 -0.35 10.58 1.37
N TYR B 124 -0.60 11.54 0.48
CA TYR B 124 -1.01 12.88 0.89
C TYR B 124 -2.36 12.90 1.58
N CYS B 125 -3.23 11.94 1.25
CA CYS B 125 -4.52 11.82 1.91
C CYS B 125 -4.28 11.56 3.39
N LEU B 126 -3.32 10.70 3.70
CA LEU B 126 -3.01 10.41 5.08
C LEU B 126 -2.46 11.64 5.79
N ARG B 127 -1.56 12.36 5.10
CA ARG B 127 -1.03 13.59 5.65
C ARG B 127 -2.17 14.57 5.96
N ALA B 128 -3.15 14.65 5.06
CA ALA B 128 -4.30 15.53 5.24
C ALA B 128 -5.18 15.10 6.42
N ILE B 129 -5.51 13.81 6.49
CA ILE B 129 -6.26 13.27 7.62
C ILE B 129 -5.61 13.64 8.96
N LYS B 130 -4.30 13.47 9.04
CA LYS B 130 -3.58 13.76 10.27
C LYS B 130 -3.72 15.22 10.66
N LEU B 131 -3.76 16.11 9.67
CA LEU B 131 -3.91 17.55 9.93
C LEU B 131 -5.32 17.91 10.38
N PHE B 132 -6.29 17.23 9.78
CA PHE B 132 -7.69 17.59 9.92
C PHE B 132 -8.38 16.88 11.08
N ILE B 133 -8.05 15.61 11.27
CA ILE B 133 -8.79 14.78 12.21
C ILE B 133 -7.94 14.31 13.38
N ASN B 134 -8.21 14.85 14.56
CA ASN B 134 -7.50 14.43 15.78
C ASN B 134 -8.02 13.09 16.31
N ASP B 135 -7.30 12.52 17.27
CA ASP B 135 -7.66 11.22 17.82
C ASP B 135 -9.08 11.18 18.36
N HIS B 136 -9.50 12.29 18.97
CA HIS B 136 -10.85 12.41 19.50
C HIS B 136 -11.88 12.24 18.39
N MET B 137 -11.65 12.87 17.24
CA MET B 137 -12.56 12.76 16.10
C MET B 137 -12.50 11.39 15.45
N LEU B 138 -11.31 10.78 15.42
CA LEU B 138 -11.20 9.42 14.88
C LEU B 138 -12.06 8.45 15.71
N ASP B 139 -12.05 8.62 17.02
CA ASP B 139 -12.89 7.80 17.90
C ASP B 139 -14.36 7.96 17.55
N LYS B 140 -14.80 9.21 17.38
CA LYS B 140 -16.20 9.48 17.06
C LYS B 140 -16.60 8.88 15.72
N ILE B 141 -15.69 8.94 14.75
CA ILE B 141 -15.91 8.32 13.44
C ILE B 141 -16.02 6.79 13.57
N LYS B 142 -15.10 6.19 14.31
CA LYS B 142 -15.11 4.76 14.55
C LYS B 142 -16.44 4.33 15.17
N SER B 143 -16.92 5.13 16.13
CA SER B 143 -18.18 4.84 16.80
C SER B 143 -19.34 4.88 15.84
N ILE B 144 -19.29 5.83 14.92
CA ILE B 144 -20.36 6.00 13.95
C ILE B 144 -20.37 4.83 12.98
N LEU B 145 -19.20 4.48 12.45
CA LEU B 145 -19.06 3.34 11.54
C LEU B 145 -19.52 2.05 12.19
N GLN B 146 -19.24 1.90 13.48
CA GLN B 146 -19.68 0.71 14.20
C GLN B 146 -21.20 0.64 14.25
N ASN B 147 -21.84 1.79 14.47
CA ASN B 147 -23.29 1.86 14.49
C ASN B 147 -23.85 1.58 13.11
N ARG B 148 -23.24 2.21 12.11
CA ARG B 148 -23.75 2.11 10.75
C ARG B 148 -23.72 0.68 10.21
N LEU B 149 -22.69 -0.08 10.59
CA LEU B 149 -22.62 -1.49 10.21
C LEU B 149 -23.83 -2.21 10.77
N VAL B 150 -24.30 -1.76 11.93
CA VAL B 150 -25.51 -2.30 12.51
C VAL B 150 -26.75 -1.79 11.77
N TYR B 151 -26.79 -0.49 11.53
CA TYR B 151 -27.93 0.14 10.85
C TYR B 151 -28.19 -0.53 9.50
N VAL B 152 -27.09 -0.86 8.81
CA VAL B 152 -27.17 -1.50 7.50
C VAL B 152 -27.83 -2.86 7.59
N GLU B 153 -27.41 -3.67 8.56
CA GLU B 153 -28.05 -4.96 8.79
C GLU B 153 -29.55 -4.81 8.99
N MET B 154 -29.94 -3.91 9.88
CA MET B 154 -31.34 -3.62 10.12
C MET B 154 -32.13 -3.49 8.82
N SER B 155 -31.64 -2.65 7.92
CA SER B 155 -32.25 -2.46 6.60
C SER B 155 -32.23 -3.76 5.78
#